data_6TZC
#
_entry.id   6TZC
#
_cell.length_a   54.565
_cell.length_b   44.347
_cell.length_c   129.022
_cell.angle_alpha   90.000
_cell.angle_beta   94.532
_cell.angle_gamma   90.000
#
_symmetry.space_group_name_H-M   'P 1 21 1'
#
loop_
_entity.id
_entity.type
_entity.pdbx_description
1 polymer 'Maltose/maltodextrin-binding periplasmic protein'
2 polymer 'Apoptosis regulator Bcl-2 homolog'
3 polymer Beclin-1
4 branched alpha-D-glucopyranose-(1-4)-alpha-D-glucopyranose
5 water water
#
loop_
_entity_poly.entity_id
_entity_poly.type
_entity_poly.pdbx_seq_one_letter_code
_entity_poly.pdbx_strand_id
1 'polypeptide(L)'
;GKIEEGKLVIWINGDKGYNGLAEVGKKFEKDTGIKVTVEHPDKLEEKFPQVAATGDGPDIIFWAHDRFGGYAQSGLLAEI
TPDKAFQDKLYPFTWDAVRYNGKLIAYPIAVEALSLIYNKDLLPNPPKTWEEIPALDKELKAKGKSALMFNLQEPYFTWP
LIAADGGYAFKYENGKYDIKDVGVDNAGAKAGLTFLVDLIKNKHMNADTDYSIAEAAFNKGETAMTINGPWAWSNIDTSK
VNYGVTVLPTFKGQPSKPFVGVLSAGINAASPNKELAKEFLENYLLTDEGLEAVNKDKPLGAVALKSYEEELAKDPRIAA
TMENAQKGEIMPNIPQMSAFWYAVRTAVINAASGRQTVDEALKDAQTNSSS
;
A
2 'polypeptide(L)'
;MEGEELIYHNIINEILVGYIKYYINDISEHELSPYQQQIKKILTYYDECLNKQVTITFSLTSVQEIKTQFTGVVTELFKD
LINWGRICGFIVFSAKMAKYCKDANNHLESTVITTAYNFMKHNLLPWMISHGGQEEFLAFSLHSDMYSHHHHHH
;
B
3 'polypeptide(L)' DGGTMENLSRRLKVTGDLFDIMSGQT C
#
loop_
_chem_comp.id
_chem_comp.type
_chem_comp.name
_chem_comp.formula
GLC D-saccharide, alpha linking alpha-D-glucopyranose 'C6 H12 O6'
#
# COMPACT_ATOMS: atom_id res chain seq x y z
N ILE A 3 10.32 -16.12 8.76
CA ILE A 3 11.67 -16.63 8.55
C ILE A 3 11.91 -17.92 9.33
N GLU A 4 11.20 -18.08 10.46
CA GLU A 4 11.39 -19.23 11.33
C GLU A 4 10.05 -19.69 11.89
N GLU A 5 9.65 -20.91 11.57
CA GLU A 5 8.44 -21.47 12.16
C GLU A 5 8.62 -21.64 13.66
N GLY A 6 7.59 -21.26 14.41
CA GLY A 6 7.68 -21.27 15.85
C GLY A 6 8.11 -19.96 16.46
N LYS A 7 8.22 -18.90 15.67
CA LYS A 7 8.71 -17.62 16.15
C LYS A 7 8.07 -16.52 15.31
N LEU A 8 7.81 -15.38 15.94
CA LEU A 8 7.22 -14.23 15.28
C LEU A 8 8.23 -13.10 15.23
N VAL A 9 8.40 -12.52 14.04
CA VAL A 9 9.23 -11.33 13.86
C VAL A 9 8.32 -10.23 13.32
N ILE A 10 8.36 -9.07 13.96
CA ILE A 10 7.45 -7.97 13.68
C ILE A 10 8.25 -6.73 13.34
N TRP A 11 7.87 -6.05 12.26
CA TRP A 11 8.51 -4.81 11.84
C TRP A 11 7.53 -3.66 12.03
N ILE A 12 8.00 -2.60 12.69
CA ILE A 12 7.22 -1.38 12.84
C ILE A 12 8.20 -0.21 12.78
N ASN A 13 7.74 0.93 12.29
CA ASN A 13 8.64 2.07 12.09
C ASN A 13 9.12 2.63 13.43
N GLY A 14 10.32 3.20 13.41
CA GLY A 14 10.97 3.59 14.64
C GLY A 14 10.20 4.62 15.46
N ASP A 15 9.41 5.46 14.80
CA ASP A 15 8.72 6.53 15.51
C ASP A 15 7.47 6.06 16.25
N LYS A 16 7.17 4.76 16.23
CA LYS A 16 6.03 4.22 16.93
C LYS A 16 6.47 3.54 18.23
N GLY A 17 5.49 2.99 18.95
CA GLY A 17 5.74 2.38 20.25
C GLY A 17 6.16 0.93 20.17
N TYR A 18 7.32 0.67 19.57
CA TYR A 18 7.78 -0.70 19.42
C TYR A 18 8.07 -1.36 20.76
N ASN A 19 8.40 -0.57 21.78
CA ASN A 19 8.58 -1.15 23.10
C ASN A 19 7.25 -1.57 23.70
N GLY A 20 6.21 -0.74 23.55
CA GLY A 20 4.89 -1.16 23.96
C GLY A 20 4.42 -2.41 23.24
N LEU A 21 4.66 -2.49 21.93
CA LEU A 21 4.28 -3.68 21.18
C LEU A 21 5.08 -4.90 21.63
N ALA A 22 6.34 -4.70 22.05
CA ALA A 22 7.12 -5.82 22.57
C ALA A 22 6.53 -6.35 23.87
N GLU A 23 5.92 -5.47 24.68
CA GLU A 23 5.26 -5.94 25.89
C GLU A 23 4.06 -6.81 25.55
N VAL A 24 3.32 -6.46 24.49
CA VAL A 24 2.25 -7.32 24.02
C VAL A 24 2.82 -8.62 23.46
N GLY A 25 4.05 -8.57 22.93
CA GLY A 25 4.70 -9.79 22.50
C GLY A 25 5.06 -10.69 23.67
N LYS A 26 5.52 -10.09 24.77
CA LYS A 26 5.82 -10.88 25.97
C LYS A 26 4.58 -11.59 26.48
N LYS A 27 3.44 -10.90 26.51
CA LYS A 27 2.20 -11.56 26.92
C LYS A 27 1.86 -12.71 25.99
N PHE A 28 2.05 -12.52 24.68
CA PHE A 28 1.79 -13.59 23.72
C PHE A 28 2.72 -14.77 23.98
N GLU A 29 4.01 -14.49 24.20
CA GLU A 29 4.95 -15.55 24.55
C GLU A 29 4.57 -16.26 25.85
N LYS A 30 3.98 -15.53 26.80
CA LYS A 30 3.57 -16.15 28.06
C LYS A 30 2.51 -17.23 27.82
N ASP A 31 1.55 -16.96 26.93
CA ASP A 31 0.43 -17.89 26.73
C ASP A 31 0.77 -19.00 25.75
N THR A 32 1.63 -18.73 24.79
CA THR A 32 1.88 -19.67 23.70
C THR A 32 3.30 -20.20 23.64
N GLY A 33 4.25 -19.55 24.30
CA GLY A 33 5.65 -19.94 24.17
C GLY A 33 6.29 -19.54 22.86
N ILE A 34 5.65 -18.69 22.08
CA ILE A 34 6.19 -18.22 20.81
CA ILE A 34 6.20 -18.23 20.81
C ILE A 34 6.91 -16.90 21.05
N LYS A 35 8.22 -16.89 20.83
CA LYS A 35 8.99 -15.65 20.97
C LYS A 35 8.51 -14.64 19.94
N VAL A 36 8.37 -13.39 20.39
CA VAL A 36 7.90 -12.29 19.54
C VAL A 36 9.00 -11.24 19.55
N THR A 37 9.67 -11.06 18.42
CA THR A 37 10.73 -10.06 18.29
C THR A 37 10.20 -8.88 17.50
N VAL A 38 10.22 -7.71 18.11
CA VAL A 38 9.80 -6.47 17.47
C VAL A 38 11.05 -5.72 17.02
N GLU A 39 11.08 -5.34 15.74
CA GLU A 39 12.21 -4.61 15.18
C GLU A 39 11.68 -3.37 14.47
N HIS A 40 12.54 -2.35 14.38
CA HIS A 40 12.22 -1.10 13.69
C HIS A 40 13.36 -0.73 12.74
N PRO A 41 13.49 -1.46 11.64
CA PRO A 41 14.58 -1.18 10.69
C PRO A 41 14.42 0.18 10.05
N ASP A 42 15.53 0.67 9.49
CA ASP A 42 15.52 1.90 8.72
C ASP A 42 15.00 1.65 7.31
N LYS A 43 14.42 2.68 6.71
CA LYS A 43 13.81 2.57 5.38
C LYS A 43 12.90 1.35 5.33
N LEU A 44 12.04 1.24 6.34
CA LEU A 44 11.25 0.03 6.54
C LEU A 44 10.32 -0.23 5.36
N GLU A 45 9.55 0.78 4.95
CA GLU A 45 8.60 0.59 3.87
C GLU A 45 9.27 0.14 2.58
N GLU A 46 10.56 0.40 2.43
CA GLU A 46 11.28 -0.01 1.24
C GLU A 46 11.96 -1.36 1.41
N LYS A 47 12.44 -1.66 2.62
CA LYS A 47 13.18 -2.90 2.83
C LYS A 47 12.26 -4.11 2.72
N PHE A 48 11.01 -3.97 3.19
CA PHE A 48 10.12 -5.12 3.18
C PHE A 48 9.88 -5.67 1.78
N PRO A 49 9.47 -4.87 0.80
CA PRO A 49 9.32 -5.43 -0.55
C PRO A 49 10.59 -6.05 -1.10
N GLN A 50 11.77 -5.53 -0.74
CA GLN A 50 13.01 -6.14 -1.17
C GLN A 50 13.16 -7.55 -0.61
N VAL A 51 13.15 -7.67 0.73
CA VAL A 51 13.43 -8.95 1.37
C VAL A 51 12.23 -9.89 1.27
N ALA A 52 11.01 -9.36 1.31
CA ALA A 52 9.84 -10.22 1.18
C ALA A 52 9.76 -10.85 -0.21
N ALA A 53 10.20 -10.14 -1.25
CA ALA A 53 10.12 -10.70 -2.59
C ALA A 53 10.98 -11.95 -2.74
N THR A 54 12.03 -12.08 -1.93
CA THR A 54 12.89 -13.25 -1.94
C THR A 54 12.54 -14.23 -0.82
N GLY A 55 11.37 -14.09 -0.21
CA GLY A 55 10.90 -15.04 0.77
C GLY A 55 11.37 -14.82 2.19
N ASP A 56 12.04 -13.69 2.47
CA ASP A 56 12.52 -13.36 3.79
C ASP A 56 11.68 -12.20 4.37
N GLY A 57 12.22 -11.52 5.37
CA GLY A 57 11.53 -10.43 6.01
C GLY A 57 10.78 -10.85 7.25
N PRO A 58 9.96 -9.95 7.78
CA PRO A 58 9.23 -10.25 9.02
C PRO A 58 7.97 -11.09 8.77
N ASP A 59 7.49 -11.72 9.85
CA ASP A 59 6.20 -12.38 9.79
C ASP A 59 5.08 -11.35 9.68
N ILE A 60 5.27 -10.19 10.29
CA ILE A 60 4.26 -9.13 10.35
C ILE A 60 4.93 -7.80 10.06
N ILE A 61 4.28 -6.98 9.24
CA ILE A 61 4.78 -5.69 8.83
C ILE A 61 3.76 -4.63 9.22
N PHE A 62 4.23 -3.57 9.87
CA PHE A 62 3.39 -2.46 10.30
C PHE A 62 3.73 -1.24 9.46
N TRP A 63 2.69 -0.56 8.96
CA TRP A 63 2.89 0.68 8.22
C TRP A 63 1.53 1.27 7.90
N ALA A 64 1.53 2.57 7.61
CA ALA A 64 0.33 3.20 7.08
C ALA A 64 -0.23 2.42 5.90
N HIS A 65 -1.55 2.48 5.74
CA HIS A 65 -2.23 1.63 4.78
C HIS A 65 -1.82 1.88 3.34
N ASP A 66 -1.29 3.08 3.04
CA ASP A 66 -1.11 3.46 1.63
C ASP A 66 -0.14 2.56 0.90
N ARG A 67 0.78 1.89 1.61
CA ARG A 67 1.78 1.08 0.95
C ARG A 67 1.36 -0.37 0.76
N PHE A 68 0.22 -0.78 1.33
CA PHE A 68 -0.12 -2.20 1.34
CA PHE A 68 -0.10 -2.20 1.34
C PHE A 68 -0.68 -2.66 0.00
N GLY A 69 -1.49 -1.82 -0.65
CA GLY A 69 -1.98 -2.17 -1.96
C GLY A 69 -0.85 -2.57 -2.90
N GLY A 70 0.27 -1.84 -2.81
CA GLY A 70 1.44 -2.23 -3.58
C GLY A 70 2.03 -3.53 -3.10
N TYR A 71 2.14 -3.72 -1.79
CA TYR A 71 2.60 -5.00 -1.26
C TYR A 71 1.69 -6.13 -1.72
N ALA A 72 0.37 -5.92 -1.67
CA ALA A 72 -0.58 -6.95 -2.06
C ALA A 72 -0.42 -7.31 -3.53
N GLN A 73 -0.31 -6.29 -4.39
CA GLN A 73 -0.23 -6.52 -5.83
C GLN A 73 1.04 -7.26 -6.20
N SER A 74 2.12 -7.05 -5.44
CA SER A 74 3.37 -7.77 -5.68
C SER A 74 3.35 -9.19 -5.12
N GLY A 75 2.22 -9.65 -4.58
CA GLY A 75 2.12 -10.98 -4.06
C GLY A 75 2.95 -11.21 -2.82
N LEU A 76 3.05 -10.20 -1.96
CA LEU A 76 3.86 -10.29 -0.75
C LEU A 76 3.05 -10.46 0.52
N LEU A 77 1.72 -10.36 0.46
CA LEU A 77 0.87 -10.42 1.62
C LEU A 77 -0.05 -11.62 1.58
N ALA A 78 -0.17 -12.32 2.70
CA ALA A 78 -1.21 -13.31 2.87
C ALA A 78 -2.53 -12.58 3.17
N GLU A 79 -3.63 -13.20 2.77
CA GLU A 79 -4.93 -12.60 3.06
C GLU A 79 -5.35 -12.98 4.47
N ILE A 80 -5.90 -12.01 5.18
CA ILE A 80 -6.33 -12.23 6.55
C ILE A 80 -7.74 -12.78 6.53
N THR A 81 -8.10 -13.47 7.63
CA THR A 81 -9.38 -14.18 7.71
C THR A 81 -10.13 -13.85 9.01
N PRO A 82 -10.33 -12.57 9.29
CA PRO A 82 -11.15 -12.21 10.46
C PRO A 82 -12.62 -12.47 10.20
N ASP A 83 -13.29 -13.05 11.18
CA ASP A 83 -14.72 -13.29 11.05
C ASP A 83 -15.50 -12.00 11.27
N LYS A 84 -16.75 -11.98 10.80
CA LYS A 84 -17.61 -10.82 10.98
C LYS A 84 -17.61 -10.37 12.44
N ALA A 85 -17.67 -11.32 13.37
CA ALA A 85 -17.62 -10.98 14.79
C ALA A 85 -16.44 -10.04 15.08
N PHE A 86 -15.24 -10.42 14.66
CA PHE A 86 -14.07 -9.59 14.93
C PHE A 86 -14.10 -8.29 14.12
N GLN A 87 -14.56 -8.35 12.87
CA GLN A 87 -14.64 -7.14 12.07
C GLN A 87 -15.53 -6.10 12.73
N ASP A 88 -16.53 -6.52 13.50
CA ASP A 88 -17.44 -5.58 14.13
C ASP A 88 -16.79 -4.77 15.24
N LYS A 89 -15.62 -5.19 15.73
CA LYS A 89 -14.95 -4.47 16.80
C LYS A 89 -14.16 -3.26 16.30
N LEU A 90 -13.92 -3.17 15.00
CA LEU A 90 -13.20 -2.05 14.41
C LEU A 90 -14.13 -1.24 13.52
N TYR A 91 -13.87 0.07 13.45
CA TYR A 91 -14.73 0.95 12.67
C TYR A 91 -14.69 0.54 11.20
N PRO A 92 -15.84 0.46 10.53
CA PRO A 92 -15.84 0.07 9.10
C PRO A 92 -14.91 0.91 8.23
N PHE A 93 -14.82 2.22 8.46
CA PHE A 93 -13.98 3.05 7.60
C PHE A 93 -12.51 2.64 7.70
N THR A 94 -12.09 2.06 8.83
CA THR A 94 -10.72 1.59 8.92
C THR A 94 -10.53 0.30 8.14
N TRP A 95 -11.57 -0.53 8.07
CA TRP A 95 -11.52 -1.70 7.19
C TRP A 95 -11.43 -1.26 5.73
N ASP A 96 -12.03 -0.11 5.40
CA ASP A 96 -12.04 0.35 4.02
C ASP A 96 -10.64 0.75 3.55
N ALA A 97 -9.78 1.17 4.48
CA ALA A 97 -8.43 1.56 4.10
C ALA A 97 -7.55 0.36 3.80
N VAL A 98 -7.92 -0.81 4.30
CA VAL A 98 -7.14 -2.03 4.08
C VAL A 98 -7.85 -2.97 3.13
N ARG A 99 -8.89 -2.50 2.44
CA ARG A 99 -9.56 -3.29 1.41
C ARG A 99 -8.91 -2.98 0.06
N TYR A 100 -8.59 -4.02 -0.70
CA TYR A 100 -7.89 -3.86 -1.97
C TYR A 100 -8.34 -4.95 -2.92
N ASN A 101 -8.88 -4.55 -4.08
CA ASN A 101 -9.38 -5.49 -5.07
C ASN A 101 -10.36 -6.49 -4.44
N GLY A 102 -11.24 -5.96 -3.59
CA GLY A 102 -12.30 -6.75 -3.00
C GLY A 102 -11.95 -7.47 -1.72
N LYS A 103 -10.66 -7.60 -1.38
CA LYS A 103 -10.24 -8.42 -0.26
C LYS A 103 -9.53 -7.59 0.80
N LEU A 104 -9.79 -7.91 2.06
CA LEU A 104 -9.02 -7.35 3.16
C LEU A 104 -7.61 -7.92 3.12
N ILE A 105 -6.62 -7.04 3.13
CA ILE A 105 -5.21 -7.45 3.04
CA ILE A 105 -5.21 -7.42 3.02
C ILE A 105 -4.41 -7.07 4.27
N ALA A 106 -5.03 -6.49 5.29
CA ALA A 106 -4.30 -6.14 6.50
C ALA A 106 -5.30 -5.77 7.59
N TYR A 107 -4.83 -5.82 8.85
CA TYR A 107 -5.64 -5.40 9.99
C TYR A 107 -5.41 -3.92 10.26
N PRO A 108 -6.46 -3.11 10.34
CA PRO A 108 -6.26 -1.70 10.70
C PRO A 108 -5.99 -1.55 12.18
N ILE A 109 -5.14 -0.60 12.53
CA ILE A 109 -4.73 -0.35 13.91
C ILE A 109 -5.28 0.99 14.42
N ALA A 110 -4.92 2.09 13.76
CA ALA A 110 -5.30 3.40 14.26
C ALA A 110 -5.17 4.45 13.16
N VAL A 111 -5.96 5.50 13.30
CA VAL A 111 -6.00 6.60 12.33
C VAL A 111 -4.98 7.66 12.77
N GLU A 112 -4.24 8.19 11.80
CA GLU A 112 -3.17 9.15 12.06
C GLU A 112 -3.30 10.34 11.12
N ALA A 113 -3.17 11.55 11.68
CA ALA A 113 -3.24 12.76 10.89
C ALA A 113 -2.34 13.82 11.52
N LEU A 114 -1.75 14.65 10.67
CA LEU A 114 -0.89 15.72 11.15
C LEU A 114 -1.74 16.86 11.71
N SER A 115 -1.29 17.43 12.83
CA SER A 115 -1.90 18.59 13.44
C SER A 115 -0.82 19.62 13.71
N LEU A 116 -1.26 20.82 14.10
CA LEU A 116 -0.33 21.86 14.49
C LEU A 116 -0.06 21.77 15.99
N ILE A 117 1.22 21.71 16.35
CA ILE A 117 1.66 21.62 17.74
C ILE A 117 2.41 22.90 18.06
N TYR A 118 2.03 23.56 19.16
CA TYR A 118 2.57 24.87 19.49
C TYR A 118 2.89 24.96 20.98
N ASN A 119 3.96 25.68 21.30
CA ASN A 119 4.33 25.98 22.66
C ASN A 119 3.42 27.10 23.18
N LYS A 120 2.59 26.77 24.19
CA LYS A 120 1.62 27.74 24.68
C LYS A 120 2.30 28.95 25.33
N ASP A 121 3.36 28.72 26.10
CA ASP A 121 4.07 29.82 26.72
C ASP A 121 4.66 30.76 25.67
N LEU A 122 5.36 30.21 24.68
CA LEU A 122 5.90 31.05 23.62
C LEU A 122 4.79 31.68 22.79
N LEU A 123 3.64 31.03 22.69
CA LEU A 123 2.59 31.52 21.81
C LEU A 123 1.22 31.00 22.25
N PRO A 124 0.43 31.82 22.95
CA PRO A 124 -0.88 31.36 23.42
C PRO A 124 -2.00 31.50 22.39
N ASN A 125 -1.70 32.04 21.20
CA ASN A 125 -2.70 32.23 20.15
C ASN A 125 -2.12 31.72 18.83
N PRO A 126 -2.28 30.44 18.53
CA PRO A 126 -1.72 29.91 17.27
C PRO A 126 -2.28 30.64 16.07
N PRO A 127 -1.44 30.92 15.06
CA PRO A 127 -1.95 31.62 13.86
C PRO A 127 -2.92 30.75 13.08
N LYS A 128 -4.05 31.34 12.72
CA LYS A 128 -5.07 30.60 11.97
C LYS A 128 -4.63 30.33 10.55
N THR A 129 -3.79 31.20 9.98
CA THR A 129 -3.41 31.11 8.58
C THR A 129 -1.91 30.90 8.45
N TRP A 130 -1.51 30.23 7.38
CA TRP A 130 -0.09 30.11 7.06
C TRP A 130 0.54 31.47 6.76
N GLU A 131 -0.26 32.43 6.29
CA GLU A 131 0.31 33.66 5.73
C GLU A 131 0.89 34.56 6.81
N GLU A 132 0.40 34.48 8.04
CA GLU A 132 0.86 35.35 9.11
C GLU A 132 2.09 34.79 9.82
N ILE A 133 2.66 33.71 9.31
CA ILE A 133 3.79 33.06 9.97
C ILE A 133 5.07 33.85 9.73
N PRO A 134 5.40 34.23 8.49
CA PRO A 134 6.65 34.97 8.27
C PRO A 134 6.82 36.14 9.21
N ALA A 135 5.75 36.91 9.45
CA ALA A 135 5.84 38.03 10.39
C ALA A 135 6.05 37.53 11.81
N LEU A 136 5.24 36.58 12.25
CA LEU A 136 5.40 36.04 13.60
C LEU A 136 6.77 35.41 13.79
N ASP A 137 7.46 35.05 12.71
CA ASP A 137 8.81 34.49 12.85
C ASP A 137 9.83 35.59 13.14
N LYS A 138 9.73 36.73 12.45
CA LYS A 138 10.62 37.84 12.76
C LYS A 138 10.37 38.37 14.16
N GLU A 139 9.12 38.29 14.64
CA GLU A 139 8.84 38.56 16.04
C GLU A 139 9.68 37.67 16.94
N LEU A 140 9.57 36.35 16.75
CA LEU A 140 10.24 35.41 17.64
C LEU A 140 11.75 35.44 17.46
N LYS A 141 12.24 35.67 16.24
CA LYS A 141 13.67 35.67 16.01
C LYS A 141 14.37 36.86 16.64
N ALA A 142 13.62 37.89 17.06
CA ALA A 142 14.19 38.93 17.89
C ALA A 142 14.28 38.49 19.35
N LYS A 143 13.38 37.60 19.78
CA LYS A 143 13.44 37.02 21.11
C LYS A 143 14.51 35.94 21.23
N GLY A 144 15.03 35.45 20.12
CA GLY A 144 15.96 34.34 20.12
C GLY A 144 15.35 33.03 19.69
N LYS A 145 14.05 33.00 19.39
CA LYS A 145 13.33 31.79 19.05
C LYS A 145 13.00 31.79 17.55
N SER A 146 12.19 30.82 17.14
CA SER A 146 11.67 30.77 15.77
C SER A 146 10.22 30.34 15.84
N ALA A 147 9.50 30.55 14.74
CA ALA A 147 8.08 30.25 14.71
C ALA A 147 7.79 28.78 14.46
N LEU A 148 8.32 28.21 13.38
CA LEU A 148 7.91 26.90 12.92
C LEU A 148 9.11 26.09 12.45
N MET A 149 9.21 24.86 12.94
CA MET A 149 10.18 23.89 12.47
C MET A 149 9.50 22.53 12.37
N PHE A 150 9.47 21.95 11.17
CA PHE A 150 8.91 20.63 10.97
C PHE A 150 9.69 19.94 9.86
N ASN A 151 9.49 18.63 9.76
CA ASN A 151 10.29 17.81 8.86
C ASN A 151 10.10 18.22 7.41
N LEU A 152 11.18 18.66 6.77
CA LEU A 152 11.16 19.04 5.37
C LEU A 152 11.65 17.94 4.45
N GLN A 153 12.25 16.87 4.99
CA GLN A 153 12.84 15.82 4.19
C GLN A 153 11.84 14.74 3.79
N GLU A 154 10.61 14.79 4.28
CA GLU A 154 9.58 13.82 3.94
C GLU A 154 8.35 14.58 3.47
N PRO A 155 7.83 14.29 2.27
CA PRO A 155 6.71 15.09 1.76
C PRO A 155 5.44 14.96 2.58
N TYR A 156 5.36 13.95 3.45
CA TYR A 156 4.16 13.79 4.27
C TYR A 156 3.87 15.04 5.08
N PHE A 157 4.91 15.75 5.52
CA PHE A 157 4.74 16.91 6.38
C PHE A 157 4.52 18.21 5.61
N THR A 158 4.82 18.22 4.31
CA THR A 158 4.58 19.38 3.49
C THR A 158 3.31 19.28 2.66
N TRP A 159 2.78 18.08 2.48
CA TRP A 159 1.60 17.91 1.62
C TRP A 159 0.39 18.70 2.09
N PRO A 160 0.07 18.77 3.38
CA PRO A 160 -1.12 19.53 3.77
C PRO A 160 -1.17 20.94 3.19
N LEU A 161 -0.03 21.62 3.15
CA LEU A 161 0.03 22.95 2.55
C LEU A 161 -0.04 22.87 1.02
N ILE A 162 0.40 21.75 0.45
CA ILE A 162 0.38 21.61 -1.01
C ILE A 162 -1.04 21.39 -1.50
N ALA A 163 -1.81 20.56 -0.80
CA ALA A 163 -3.18 20.29 -1.22
C ALA A 163 -4.13 21.40 -0.84
N ALA A 164 -3.75 22.27 0.10
CA ALA A 164 -4.66 23.30 0.58
C ALA A 164 -5.36 24.01 -0.57
N ASP A 165 -4.60 24.48 -1.55
CA ASP A 165 -5.15 25.33 -2.61
C ASP A 165 -5.56 24.52 -3.85
N GLY A 166 -5.66 23.21 -3.73
CA GLY A 166 -6.18 22.42 -4.83
C GLY A 166 -5.33 21.24 -5.25
N GLY A 167 -4.13 21.13 -4.66
CA GLY A 167 -3.26 20.02 -5.01
C GLY A 167 -3.91 18.69 -4.64
N TYR A 168 -3.67 17.68 -5.49
CA TYR A 168 -4.16 16.34 -5.24
C TYR A 168 -3.20 15.33 -5.87
N ALA A 169 -3.35 14.08 -5.47
CA ALA A 169 -2.49 13.00 -5.99
C ALA A 169 -3.12 12.39 -7.24
N PHE A 170 -4.19 11.62 -7.06
CA PHE A 170 -4.89 10.98 -8.16
C PHE A 170 -6.38 11.32 -8.06
N LYS A 171 -6.98 11.68 -9.19
CA LYS A 171 -8.39 12.05 -9.20
C LYS A 171 -9.26 10.84 -8.83
N TYR A 172 -10.20 11.05 -7.91
CA TYR A 172 -11.15 10.04 -7.48
C TYR A 172 -12.52 10.44 -8.00
N GLU A 173 -13.11 9.58 -8.85
CA GLU A 173 -14.38 9.90 -9.47
C GLU A 173 -15.47 8.89 -9.13
N ASN A 174 -15.51 7.77 -9.84
CA ASN A 174 -16.64 6.84 -9.79
C ASN A 174 -16.35 5.60 -8.96
N GLY A 175 -15.25 5.59 -8.22
CA GLY A 175 -14.78 4.39 -7.56
C GLY A 175 -13.48 3.87 -8.10
N LYS A 176 -12.92 4.52 -9.13
CA LYS A 176 -11.63 4.16 -9.70
C LYS A 176 -10.71 5.37 -9.60
N TYR A 177 -9.44 5.11 -9.27
CA TYR A 177 -8.44 6.17 -9.21
C TYR A 177 -7.77 6.32 -10.57
N ASP A 178 -7.64 7.55 -11.03
CA ASP A 178 -7.09 7.83 -12.35
C ASP A 178 -5.60 8.12 -12.23
N ILE A 179 -4.77 7.17 -12.64
CA ILE A 179 -3.32 7.35 -12.53
C ILE A 179 -2.84 8.23 -13.66
N LYS A 180 -3.75 8.69 -14.52
CA LYS A 180 -3.42 9.64 -15.56
C LYS A 180 -3.69 11.07 -15.13
N ASP A 181 -4.75 11.29 -14.35
CA ASP A 181 -5.08 12.60 -13.81
C ASP A 181 -4.38 12.76 -12.46
N VAL A 182 -3.34 13.59 -12.43
CA VAL A 182 -2.53 13.81 -11.25
C VAL A 182 -2.48 15.30 -10.97
N GLY A 183 -2.68 15.68 -9.70
CA GLY A 183 -2.77 17.08 -9.34
C GLY A 183 -1.54 17.58 -8.62
N VAL A 184 -0.38 17.09 -9.02
CA VAL A 184 0.87 17.47 -8.37
C VAL A 184 1.46 18.75 -8.96
N ASP A 185 1.09 19.09 -10.19
CA ASP A 185 1.65 20.26 -10.86
C ASP A 185 0.54 21.22 -11.31
N ASN A 186 -0.58 21.22 -10.61
CA ASN A 186 -1.66 22.14 -10.94
C ASN A 186 -1.54 23.39 -10.07
N ALA A 187 -2.41 24.37 -10.34
CA ALA A 187 -2.27 25.69 -9.74
C ALA A 187 -2.06 25.61 -8.23
N GLY A 188 -2.91 24.86 -7.53
CA GLY A 188 -2.84 24.85 -6.08
C GLY A 188 -1.51 24.33 -5.56
N ALA A 189 -1.03 23.22 -6.12
CA ALA A 189 0.20 22.61 -5.63
C ALA A 189 1.37 23.59 -5.70
N LYS A 190 1.56 24.27 -6.84
CA LYS A 190 2.69 25.17 -6.97
C LYS A 190 2.50 26.42 -6.11
N ALA A 191 1.26 26.80 -5.81
CA ALA A 191 1.04 27.89 -4.87
C ALA A 191 1.48 27.49 -3.47
N GLY A 192 1.09 26.29 -3.02
CA GLY A 192 1.47 25.86 -1.69
C GLY A 192 2.96 25.65 -1.54
N LEU A 193 3.59 25.01 -2.52
CA LEU A 193 5.02 24.74 -2.43
C LEU A 193 5.82 26.03 -2.49
N THR A 194 5.44 26.94 -3.39
CA THR A 194 6.17 28.21 -3.48
C THR A 194 6.16 28.91 -2.12
N PHE A 195 5.01 28.89 -1.43
CA PHE A 195 4.94 29.54 -0.13
C PHE A 195 5.98 28.96 0.82
N LEU A 196 6.22 27.64 0.71
CA LEU A 196 7.23 27.00 1.54
C LEU A 196 8.62 27.48 1.16
N VAL A 197 8.95 27.44 -0.14
CA VAL A 197 10.28 27.90 -0.57
C VAL A 197 10.51 29.35 -0.13
N ASP A 198 9.52 30.22 -0.30
CA ASP A 198 9.69 31.61 0.13
C ASP A 198 9.95 31.70 1.62
N LEU A 199 9.29 30.85 2.42
CA LEU A 199 9.62 30.79 3.84
C LEU A 199 11.08 30.38 4.05
N ILE A 200 11.60 29.54 3.17
CA ILE A 200 13.01 29.14 3.25
C ILE A 200 13.90 30.28 2.76
N LYS A 201 13.65 30.74 1.54
N LYS A 201 13.63 30.81 1.58
CA LYS A 201 14.42 31.86 0.98
CA LYS A 201 14.52 31.83 1.02
C LYS A 201 14.53 32.99 1.98
C LYS A 201 14.51 33.11 1.85
N ASN A 202 13.41 33.40 2.55
CA ASN A 202 13.35 34.54 3.47
C ASN A 202 13.95 34.21 4.84
N LYS A 203 14.63 33.08 4.98
CA LYS A 203 15.39 32.74 6.17
C LYS A 203 14.52 32.37 7.37
N HIS A 204 13.24 32.06 7.15
CA HIS A 204 12.38 31.70 8.27
C HIS A 204 12.61 30.24 8.67
N MET A 205 12.64 29.33 7.69
CA MET A 205 12.91 27.93 7.92
C MET A 205 14.21 27.53 7.24
N ASN A 206 14.67 26.32 7.53
CA ASN A 206 15.94 25.80 7.03
C ASN A 206 15.67 24.55 6.21
N ALA A 207 16.16 24.56 4.96
CA ALA A 207 15.92 23.43 4.08
C ALA A 207 16.52 22.13 4.60
N ASP A 208 17.53 22.22 5.47
CA ASP A 208 18.14 21.03 6.04
C ASP A 208 17.29 20.39 7.14
N THR A 209 16.32 21.12 7.67
CA THR A 209 15.55 20.64 8.81
C THR A 209 14.93 19.28 8.51
N ASP A 210 15.18 18.32 9.40
CA ASP A 210 14.59 16.99 9.28
C ASP A 210 13.73 16.69 10.51
N TYR A 211 13.41 15.42 10.73
CA TYR A 211 12.53 15.06 11.84
C TYR A 211 13.21 15.29 13.19
N SER A 212 14.41 14.71 13.37
CA SER A 212 15.11 14.88 14.65
CA SER A 212 15.11 14.88 14.65
C SER A 212 15.40 16.35 14.94
N ILE A 213 15.80 17.11 13.92
CA ILE A 213 16.10 18.52 14.12
C ILE A 213 14.86 19.26 14.62
N ALA A 214 13.74 19.08 13.94
CA ALA A 214 12.52 19.79 14.33
C ALA A 214 12.01 19.32 15.68
N GLU A 215 12.24 18.06 16.03
CA GLU A 215 11.77 17.55 17.31
C GLU A 215 12.53 18.19 18.46
N ALA A 216 13.86 18.18 18.40
CA ALA A 216 14.65 18.76 19.48
C ALA A 216 14.40 20.26 19.61
N ALA A 217 14.33 20.96 18.48
CA ALA A 217 14.10 22.40 18.51
C ALA A 217 12.83 22.72 19.30
N PHE A 218 11.75 21.98 19.04
CA PHE A 218 10.49 22.26 19.71
C PHE A 218 10.55 21.84 21.17
N ASN A 219 10.86 20.57 21.42
CA ASN A 219 10.91 20.07 22.80
C ASN A 219 11.83 20.91 23.67
N LYS A 220 12.91 21.45 23.10
CA LYS A 220 13.83 22.30 23.83
C LYS A 220 13.38 23.75 23.87
N GLY A 221 12.18 24.04 23.38
CA GLY A 221 11.67 25.39 23.41
C GLY A 221 12.40 26.38 22.53
N GLU A 222 13.16 25.88 21.55
CA GLU A 222 13.85 26.77 20.62
C GLU A 222 12.93 27.31 19.53
N THR A 223 11.79 26.67 19.31
CA THR A 223 10.84 27.07 18.28
C THR A 223 9.43 26.96 18.84
N ALA A 224 8.54 27.78 18.28
CA ALA A 224 7.20 27.92 18.84
C ALA A 224 6.22 26.88 18.32
N MET A 225 6.44 26.34 17.13
CA MET A 225 5.47 25.43 16.51
C MET A 225 6.19 24.32 15.76
N THR A 226 5.45 23.21 15.60
CA THR A 226 5.89 22.08 14.79
C THR A 226 4.64 21.39 14.26
N ILE A 227 4.81 20.61 13.20
CA ILE A 227 3.74 19.84 12.58
C ILE A 227 4.08 18.36 12.73
N ASN A 228 3.21 17.61 13.40
CA ASN A 228 3.52 16.22 13.70
C ASN A 228 2.23 15.47 14.03
N GLY A 229 2.37 14.17 14.25
CA GLY A 229 1.25 13.31 14.58
C GLY A 229 1.28 12.84 16.02
N PRO A 230 0.33 11.97 16.38
CA PRO A 230 0.20 11.58 17.80
C PRO A 230 1.44 10.91 18.39
N TRP A 231 2.15 10.12 17.59
CA TRP A 231 3.31 9.41 18.12
C TRP A 231 4.31 10.34 18.79
N ALA A 232 4.36 11.60 18.37
CA ALA A 232 5.40 12.50 18.84
C ALA A 232 5.07 13.18 20.15
N TRP A 233 3.87 12.98 20.70
CA TRP A 233 3.48 13.70 21.91
C TRP A 233 4.27 13.22 23.13
N SER A 234 4.64 11.93 23.18
CA SER A 234 5.33 11.39 24.34
C SER A 234 6.56 12.21 24.69
N ASN A 235 7.51 12.29 23.76
CA ASN A 235 8.73 13.04 24.00
C ASN A 235 8.44 14.48 24.40
N ILE A 236 7.30 15.03 23.97
CA ILE A 236 6.94 16.38 24.40
C ILE A 236 6.47 16.36 25.84
N ASP A 237 5.72 15.34 26.24
CA ASP A 237 5.40 15.14 27.65
C ASP A 237 6.69 15.02 28.46
N THR A 238 7.63 14.19 27.99
CA THR A 238 8.89 14.03 28.68
C THR A 238 9.64 15.35 28.79
N SER A 239 9.61 16.16 27.72
CA SER A 239 10.29 17.45 27.75
C SER A 239 9.60 18.45 28.67
N LYS A 240 8.33 18.22 28.99
CA LYS A 240 7.54 19.06 29.89
C LYS A 240 7.14 20.40 29.27
N VAL A 241 7.37 20.59 27.98
CA VAL A 241 6.89 21.80 27.31
C VAL A 241 5.37 21.87 27.42
N ASN A 242 4.85 23.07 27.63
CA ASN A 242 3.41 23.30 27.73
C ASN A 242 2.88 23.49 26.31
N TYR A 243 2.36 22.41 25.72
CA TYR A 243 2.00 22.39 24.32
C TYR A 243 0.50 22.17 24.12
N GLY A 244 0.00 22.70 23.01
CA GLY A 244 -1.35 22.41 22.58
C GLY A 244 -1.33 21.77 21.19
N VAL A 245 -2.37 21.00 20.91
CA VAL A 245 -2.55 20.36 19.62
C VAL A 245 -3.86 20.85 19.02
N THR A 246 -3.79 21.39 17.80
CA THR A 246 -4.90 22.16 17.27
C THR A 246 -4.95 22.02 15.75
N VAL A 247 -5.85 22.80 15.12
CA VAL A 247 -6.05 22.73 13.69
C VAL A 247 -4.85 23.29 12.96
N LEU A 248 -4.54 22.70 11.81
CA LEU A 248 -3.47 23.21 10.97
C LEU A 248 -3.85 24.57 10.41
N PRO A 249 -2.86 25.45 10.18
CA PRO A 249 -3.18 26.76 9.60
C PRO A 249 -3.73 26.63 8.19
N THR A 250 -4.58 27.58 7.81
CA THR A 250 -5.13 27.62 6.46
C THR A 250 -4.18 28.36 5.53
N PHE A 251 -4.30 28.05 4.24
CA PHE A 251 -3.49 28.68 3.19
C PHE A 251 -4.46 29.28 2.18
N LYS A 252 -4.48 30.62 2.11
CA LYS A 252 -5.37 31.34 1.22
C LYS A 252 -6.83 31.07 1.55
N GLY A 253 -7.15 31.05 2.85
CA GLY A 253 -8.50 30.89 3.30
C GLY A 253 -9.04 29.49 3.32
N GLN A 254 -8.30 28.51 2.81
CA GLN A 254 -8.76 27.14 2.78
C GLN A 254 -7.94 26.26 3.74
N PRO A 255 -8.53 25.24 4.33
CA PRO A 255 -7.82 24.48 5.37
C PRO A 255 -6.71 23.65 4.77
N SER A 256 -5.64 23.46 5.56
CA SER A 256 -4.65 22.47 5.21
C SER A 256 -5.33 21.10 5.08
N LYS A 257 -4.96 20.38 4.04
CA LYS A 257 -5.58 19.09 3.75
C LYS A 257 -4.56 17.97 3.92
N PRO A 258 -4.29 17.56 5.16
CA PRO A 258 -3.31 16.49 5.37
C PRO A 258 -3.81 15.15 4.85
N PHE A 259 -2.87 14.30 4.43
CA PHE A 259 -3.18 12.95 4.03
C PHE A 259 -3.35 12.09 5.27
N VAL A 260 -4.52 11.50 5.43
CA VAL A 260 -4.83 10.71 6.62
C VAL A 260 -4.30 9.29 6.45
N GLY A 261 -3.62 8.79 7.49
CA GLY A 261 -3.04 7.46 7.47
C GLY A 261 -3.73 6.55 8.46
N VAL A 262 -3.74 5.25 8.15
CA VAL A 262 -4.31 4.23 9.03
C VAL A 262 -3.22 3.18 9.24
N LEU A 263 -2.55 3.23 10.40
CA LEU A 263 -1.55 2.22 10.72
C LEU A 263 -2.15 0.83 10.60
N SER A 264 -1.48 -0.03 9.85
CA SER A 264 -2.02 -1.32 9.49
C SER A 264 -0.95 -2.39 9.66
N ALA A 265 -1.40 -3.63 9.84
CA ALA A 265 -0.52 -4.76 10.06
C ALA A 265 -0.83 -5.82 9.02
N GLY A 266 0.16 -6.15 8.21
CA GLY A 266 0.04 -7.21 7.23
C GLY A 266 0.81 -8.44 7.63
N ILE A 267 0.49 -9.58 7.03
CA ILE A 267 1.14 -10.85 7.31
C ILE A 267 1.90 -11.26 6.06
N ASN A 268 3.21 -11.45 6.20
CA ASN A 268 4.05 -11.83 5.08
C ASN A 268 3.54 -13.12 4.47
N ALA A 269 3.34 -13.11 3.15
CA ALA A 269 2.84 -14.29 2.46
C ALA A 269 3.78 -15.48 2.64
N ALA A 270 5.06 -15.22 2.83
CA ALA A 270 6.04 -16.28 3.03
C ALA A 270 6.18 -16.72 4.49
N SER A 271 5.34 -16.20 5.38
CA SER A 271 5.47 -16.56 6.79
C SER A 271 4.95 -17.96 7.04
N PRO A 272 5.72 -18.84 7.67
CA PRO A 272 5.18 -20.11 8.15
C PRO A 272 4.41 -20.02 9.45
N ASN A 273 4.05 -18.81 9.88
CA ASN A 273 3.39 -18.60 11.16
C ASN A 273 2.12 -17.79 11.01
N LYS A 274 1.41 -17.96 9.89
CA LYS A 274 0.24 -17.13 9.64
C LYS A 274 -0.83 -17.34 10.72
N GLU A 275 -1.07 -18.60 11.09
CA GLU A 275 -2.13 -18.88 12.05
C GLU A 275 -1.83 -18.24 13.40
N LEU A 276 -0.56 -18.21 13.80
CA LEU A 276 -0.18 -17.55 15.04
C LEU A 276 -0.13 -16.04 14.90
N ALA A 277 0.21 -15.54 13.71
CA ALA A 277 0.12 -14.11 13.45
C ALA A 277 -1.32 -13.61 13.64
N LYS A 278 -2.30 -14.40 13.19
CA LYS A 278 -3.69 -14.02 13.39
C LYS A 278 -4.02 -13.96 14.88
N GLU A 279 -3.64 -14.99 15.64
CA GLU A 279 -3.87 -14.98 17.07
C GLU A 279 -3.32 -13.72 17.72
N PHE A 280 -2.04 -13.44 17.49
CA PHE A 280 -1.41 -12.29 18.11
C PHE A 280 -2.16 -11.00 17.77
N LEU A 281 -2.44 -10.79 16.48
CA LEU A 281 -3.00 -9.53 16.06
C LEU A 281 -4.44 -9.35 16.53
N GLU A 282 -5.26 -10.39 16.41
CA GLU A 282 -6.67 -10.25 16.77
C GLU A 282 -6.89 -10.30 18.28
N ASN A 283 -6.33 -11.31 18.94
CA ASN A 283 -6.68 -11.60 20.33
C ASN A 283 -5.76 -10.95 21.36
N TYR A 284 -4.53 -10.62 20.99
CA TYR A 284 -3.60 -9.97 21.90
C TYR A 284 -3.39 -8.50 21.60
N LEU A 285 -3.11 -8.13 20.34
CA LEU A 285 -2.86 -6.73 20.05
C LEU A 285 -4.15 -5.92 20.03
N LEU A 286 -5.13 -6.35 19.24
CA LEU A 286 -6.35 -5.58 19.05
C LEU A 286 -7.35 -5.84 20.17
N THR A 287 -6.90 -5.76 21.40
CA THR A 287 -7.75 -5.71 22.57
C THR A 287 -7.52 -4.40 23.30
N ASP A 288 -8.43 -4.09 24.24
CA ASP A 288 -8.26 -2.89 25.03
C ASP A 288 -6.91 -2.86 25.74
N GLU A 289 -6.34 -4.05 26.01
CA GLU A 289 -5.08 -4.12 26.74
C GLU A 289 -3.88 -3.98 25.81
N GLY A 290 -3.94 -4.64 24.65
CA GLY A 290 -2.83 -4.55 23.72
C GLY A 290 -2.62 -3.14 23.21
N LEU A 291 -3.72 -2.47 22.82
CA LEU A 291 -3.59 -1.11 22.31
C LEU A 291 -3.12 -0.16 23.40
N GLU A 292 -3.56 -0.37 24.64
CA GLU A 292 -3.07 0.46 25.75
C GLU A 292 -1.57 0.31 25.91
N ALA A 293 -1.06 -0.92 25.81
CA ALA A 293 0.38 -1.11 25.96
C ALA A 293 1.14 -0.32 24.92
N VAL A 294 0.66 -0.34 23.67
CA VAL A 294 1.34 0.40 22.63
C VAL A 294 1.10 1.89 22.79
N ASN A 295 -0.12 2.27 23.18
CA ASN A 295 -0.44 3.69 23.30
C ASN A 295 0.33 4.35 24.42
N LYS A 296 0.66 3.60 25.48
CA LYS A 296 1.43 4.18 26.58
C LYS A 296 2.87 4.44 26.18
N ASP A 297 3.40 3.70 25.22
CA ASP A 297 4.75 3.97 24.72
C ASP A 297 4.78 5.17 23.77
N LYS A 298 3.90 5.14 22.76
CA LYS A 298 3.74 6.22 21.79
C LYS A 298 2.28 6.27 21.34
N PRO A 299 1.58 7.39 21.47
CA PRO A 299 0.16 7.40 21.11
C PRO A 299 -0.08 6.93 19.69
N LEU A 300 -1.14 6.13 19.52
CA LEU A 300 -1.48 5.60 18.22
C LEU A 300 -2.35 6.54 17.41
N GLY A 301 -2.99 7.51 18.05
CA GLY A 301 -4.02 8.30 17.40
C GLY A 301 -5.40 7.79 17.73
N ALA A 302 -6.33 7.90 16.79
CA ALA A 302 -7.69 7.39 16.99
C ALA A 302 -7.71 5.94 16.54
N VAL A 303 -7.75 5.03 17.51
CA VAL A 303 -7.57 3.62 17.20
C VAL A 303 -8.83 3.05 16.54
N ALA A 304 -8.64 1.95 15.81
CA ALA A 304 -9.75 1.32 15.12
C ALA A 304 -10.69 0.61 16.09
N LEU A 305 -10.17 0.10 17.20
CA LEU A 305 -10.98 -0.66 18.15
C LEU A 305 -12.02 0.24 18.78
N LYS A 306 -13.29 -0.03 18.49
CA LYS A 306 -14.38 0.82 19.00
C LYS A 306 -14.29 0.97 20.51
N SER A 307 -14.16 -0.15 21.22
CA SER A 307 -14.20 -0.11 22.68
C SER A 307 -13.13 0.80 23.25
N TYR A 308 -11.91 0.76 22.68
CA TYR A 308 -10.82 1.56 23.22
C TYR A 308 -10.80 2.97 22.66
N GLU A 309 -11.25 3.18 21.42
CA GLU A 309 -11.31 4.53 20.89
C GLU A 309 -12.31 5.38 21.68
N GLU A 310 -13.37 4.78 22.20
CA GLU A 310 -14.34 5.52 22.98
C GLU A 310 -13.66 6.31 24.10
N GLU A 311 -12.68 5.69 24.76
CA GLU A 311 -11.92 6.41 25.79
C GLU A 311 -11.02 7.47 25.16
N LEU A 312 -10.23 7.07 24.16
CA LEU A 312 -9.23 7.99 23.62
C LEU A 312 -9.87 9.20 22.97
N ALA A 313 -11.05 9.03 22.35
CA ALA A 313 -11.70 10.15 21.67
C ALA A 313 -11.88 11.36 22.57
N LYS A 314 -12.00 11.14 23.88
CA LYS A 314 -12.20 12.24 24.80
C LYS A 314 -10.96 13.11 24.97
N ASP A 315 -9.79 12.59 24.63
CA ASP A 315 -8.55 13.36 24.71
C ASP A 315 -8.59 14.49 23.71
N PRO A 316 -8.46 15.75 24.13
CA PRO A 316 -8.58 16.86 23.16
C PRO A 316 -7.54 16.79 22.06
N ARG A 317 -6.32 16.31 22.37
CA ARG A 317 -5.32 16.15 21.33
C ARG A 317 -5.80 15.17 20.26
N ILE A 318 -6.60 14.18 20.65
CA ILE A 318 -7.14 13.24 19.68
C ILE A 318 -8.23 13.90 18.84
N ALA A 319 -9.02 14.77 19.47
CA ALA A 319 -10.08 15.46 18.73
C ALA A 319 -9.50 16.36 17.64
N ALA A 320 -8.41 17.06 17.95
CA ALA A 320 -7.77 17.91 16.95
C ALA A 320 -7.25 17.07 15.79
N THR A 321 -6.74 15.88 16.08
CA THR A 321 -6.32 14.97 15.02
C THR A 321 -7.47 14.64 14.08
N MET A 322 -8.66 14.37 14.65
CA MET A 322 -9.80 14.05 13.80
C MET A 322 -10.33 15.27 13.07
N GLU A 323 -10.18 16.46 13.65
CA GLU A 323 -10.60 17.67 12.96
C GLU A 323 -9.72 17.91 11.74
N ASN A 324 -8.40 17.87 11.93
CA ASN A 324 -7.49 17.95 10.79
C ASN A 324 -7.67 16.77 9.84
N ALA A 325 -8.17 15.63 10.36
CA ALA A 325 -8.40 14.48 9.50
C ALA A 325 -9.59 14.70 8.58
N GLN A 326 -10.71 15.19 9.14
CA GLN A 326 -11.87 15.51 8.31
C GLN A 326 -11.50 16.52 7.23
N LYS A 327 -10.71 17.54 7.59
CA LYS A 327 -10.28 18.54 6.63
C LYS A 327 -9.28 17.98 5.62
N GLY A 328 -8.71 16.81 5.87
CA GLY A 328 -7.78 16.17 4.96
C GLY A 328 -8.47 15.14 4.11
N GLU A 329 -7.78 14.03 3.85
CA GLU A 329 -8.31 12.96 3.02
C GLU A 329 -7.55 11.67 3.31
N ILE A 330 -8.26 10.55 3.18
CA ILE A 330 -7.65 9.25 3.41
C ILE A 330 -6.74 8.93 2.22
N MET A 331 -5.53 8.46 2.51
CA MET A 331 -4.62 8.12 1.45
C MET A 331 -5.16 6.95 0.63
N PRO A 332 -4.95 6.94 -0.68
CA PRO A 332 -5.24 5.74 -1.46
C PRO A 332 -4.17 4.68 -1.19
N ASN A 333 -4.55 3.42 -1.41
CA ASN A 333 -3.63 2.31 -1.22
C ASN A 333 -3.16 1.69 -2.53
N ILE A 334 -3.51 2.28 -3.67
CA ILE A 334 -3.19 1.69 -4.97
C ILE A 334 -1.67 1.51 -5.06
N PRO A 335 -1.18 0.55 -5.86
CA PRO A 335 0.27 0.35 -5.93
C PRO A 335 1.05 1.57 -6.36
N GLN A 336 0.44 2.48 -7.12
CA GLN A 336 1.16 3.64 -7.62
C GLN A 336 1.46 4.66 -6.53
N MET A 337 1.02 4.45 -5.29
CA MET A 337 1.24 5.45 -4.25
C MET A 337 2.73 5.62 -3.93
N SER A 338 3.53 4.57 -4.08
CA SER A 338 4.96 4.70 -3.83
C SER A 338 5.60 5.67 -4.81
N ALA A 339 5.36 5.48 -6.11
CA ALA A 339 5.95 6.37 -7.10
C ALA A 339 5.53 7.82 -6.87
N PHE A 340 4.29 8.03 -6.42
CA PHE A 340 3.83 9.38 -6.12
C PHE A 340 4.65 10.01 -5.00
N TRP A 341 4.88 9.26 -3.91
CA TRP A 341 5.65 9.80 -2.79
C TRP A 341 7.10 10.07 -3.19
N TYR A 342 7.75 9.07 -3.79
CA TYR A 342 9.11 9.26 -4.30
C TYR A 342 9.20 10.54 -5.12
N ALA A 343 8.28 10.73 -6.06
CA ALA A 343 8.32 11.91 -6.93
C ALA A 343 8.14 13.18 -6.11
N VAL A 344 7.15 13.19 -5.21
CA VAL A 344 6.92 14.38 -4.40
C VAL A 344 8.05 14.58 -3.41
N ARG A 345 8.68 13.50 -2.95
CA ARG A 345 9.84 13.64 -2.07
C ARG A 345 10.98 14.37 -2.80
N THR A 346 11.23 14.01 -4.06
CA THR A 346 12.31 14.63 -4.82
C THR A 346 12.01 16.09 -5.13
N ALA A 347 10.75 16.40 -5.41
CA ALA A 347 10.41 17.76 -5.82
C ALA A 347 10.52 18.73 -4.66
N VAL A 348 9.97 18.36 -3.50
CA VAL A 348 10.03 19.23 -2.33
C VAL A 348 11.49 19.47 -1.92
N ILE A 349 12.30 18.42 -1.98
CA ILE A 349 13.72 18.55 -1.62
C ILE A 349 14.43 19.48 -2.60
N ASN A 350 14.07 19.42 -3.87
CA ASN A 350 14.78 20.21 -4.88
C ASN A 350 14.33 21.68 -4.85
N ALA A 351 13.05 21.93 -4.62
CA ALA A 351 12.59 23.31 -4.54
C ALA A 351 13.17 24.01 -3.32
N ALA A 352 13.22 23.32 -2.19
CA ALA A 352 13.75 23.93 -0.97
C ALA A 352 15.23 24.24 -1.10
N SER A 353 16.01 23.29 -1.66
CA SER A 353 17.43 23.49 -1.83
C SER A 353 17.77 24.44 -2.95
N GLY A 354 16.78 24.96 -3.67
CA GLY A 354 17.05 25.76 -4.84
C GLY A 354 17.58 25.00 -6.02
N ARG A 355 17.69 23.67 -5.92
CA ARG A 355 18.17 22.87 -7.03
C ARG A 355 17.22 22.88 -8.22
N GLN A 356 15.94 23.21 -7.98
CA GLN A 356 14.96 23.34 -9.05
C GLN A 356 13.98 24.43 -8.70
N THR A 357 13.43 25.06 -9.73
CA THR A 357 12.26 25.90 -9.55
C THR A 357 11.08 25.06 -9.07
N VAL A 358 10.13 25.72 -8.41
CA VAL A 358 8.88 25.05 -8.06
C VAL A 358 8.27 24.41 -9.29
N ASP A 359 8.07 25.23 -10.33
CA ASP A 359 7.42 24.72 -11.55
C ASP A 359 8.21 23.58 -12.16
N GLU A 360 9.55 23.64 -12.06
CA GLU A 360 10.36 22.52 -12.53
C GLU A 360 10.16 21.29 -11.65
N ALA A 361 10.35 21.45 -10.34
CA ALA A 361 10.24 20.32 -9.42
C ALA A 361 8.90 19.61 -9.59
N LEU A 362 7.81 20.36 -9.64
CA LEU A 362 6.50 19.73 -9.69
C LEU A 362 6.19 19.15 -11.07
N LYS A 363 6.67 19.78 -12.14
CA LYS A 363 6.49 19.21 -13.46
C LYS A 363 7.16 17.84 -13.55
N ASP A 364 8.35 17.71 -12.96
CA ASP A 364 9.01 16.41 -12.92
C ASP A 364 8.19 15.42 -12.10
N ALA A 365 7.60 15.88 -11.00
CA ALA A 365 6.82 14.99 -10.14
C ALA A 365 5.53 14.55 -10.83
N GLN A 366 4.82 15.49 -11.47
CA GLN A 366 3.66 15.12 -12.28
C GLN A 366 4.04 14.03 -13.28
N THR A 367 5.20 14.17 -13.92
CA THR A 367 5.60 13.21 -14.95
C THR A 367 5.88 11.84 -14.34
N ASN A 368 6.66 11.81 -13.26
CA ASN A 368 7.14 10.56 -12.69
C ASN A 368 6.17 9.91 -11.72
N SER A 369 5.04 10.53 -11.42
CA SER A 369 4.07 9.94 -10.52
C SER A 369 3.62 8.57 -11.01
N GLY B 3 12.74 -2.99 -13.29
CA GLY B 3 12.52 -3.45 -11.92
C GLY B 3 11.48 -4.53 -11.82
N GLU B 4 10.36 -4.22 -11.17
CA GLU B 4 9.31 -5.20 -10.99
C GLU B 4 8.37 -5.30 -12.19
N GLU B 5 8.32 -4.26 -13.02
CA GLU B 5 7.58 -4.37 -14.28
C GLU B 5 8.14 -5.50 -15.15
N LEU B 6 9.43 -5.76 -15.04
CA LEU B 6 10.07 -6.82 -15.81
C LEU B 6 9.95 -8.18 -15.17
N ILE B 7 9.85 -8.24 -13.84
CA ILE B 7 9.59 -9.51 -13.17
C ILE B 7 8.24 -10.06 -13.60
N TYR B 8 7.22 -9.20 -13.63
CA TYR B 8 5.90 -9.63 -14.08
C TYR B 8 5.96 -10.12 -15.52
N HIS B 9 6.76 -9.47 -16.35
CA HIS B 9 6.84 -9.85 -17.76
C HIS B 9 7.40 -11.26 -17.92
N ASN B 10 8.53 -11.54 -17.28
CA ASN B 10 9.17 -12.84 -17.47
C ASN B 10 8.32 -13.97 -16.91
N ILE B 11 7.63 -13.73 -15.79
CA ILE B 11 6.76 -14.77 -15.23
C ILE B 11 5.64 -15.09 -16.21
N ILE B 12 4.90 -14.07 -16.65
CA ILE B 12 3.76 -14.29 -17.53
C ILE B 12 4.22 -14.97 -18.82
N ASN B 13 5.37 -14.53 -19.36
CA ASN B 13 5.87 -15.10 -20.61
C ASN B 13 6.23 -16.57 -20.45
N GLU B 14 6.82 -16.94 -19.31
CA GLU B 14 7.18 -18.34 -19.12
C GLU B 14 5.94 -19.21 -18.96
N ILE B 15 4.93 -18.70 -18.25
CA ILE B 15 3.77 -19.51 -17.90
C ILE B 15 2.68 -19.41 -18.96
N LEU B 16 2.45 -18.22 -19.51
CA LEU B 16 1.31 -17.97 -20.39
C LEU B 16 1.70 -17.88 -21.85
N VAL B 17 2.57 -16.95 -22.21
CA VAL B 17 2.77 -16.60 -23.61
C VAL B 17 3.46 -17.73 -24.36
N GLY B 18 4.53 -18.28 -23.79
CA GLY B 18 5.26 -19.33 -24.47
C GLY B 18 4.36 -20.44 -24.95
N TYR B 19 3.44 -20.89 -24.10
CA TYR B 19 2.56 -22.00 -24.49
C TYR B 19 1.63 -21.57 -25.62
N ILE B 20 1.06 -20.37 -25.53
CA ILE B 20 0.15 -19.92 -26.58
C ILE B 20 0.86 -19.90 -27.92
N LYS B 21 2.09 -19.36 -27.94
CA LYS B 21 2.81 -19.21 -29.20
C LYS B 21 3.19 -20.56 -29.78
N TYR B 22 3.39 -21.56 -28.92
CA TYR B 22 3.60 -22.90 -29.44
C TYR B 22 2.29 -23.49 -29.96
N TYR B 23 1.22 -23.39 -29.17
CA TYR B 23 -0.07 -23.90 -29.61
C TYR B 23 -0.53 -23.25 -30.90
N ILE B 24 -0.17 -21.98 -31.11
CA ILE B 24 -0.53 -21.27 -32.34
C ILE B 24 0.37 -21.62 -33.51
N ASN B 25 1.50 -22.28 -33.25
CA ASN B 25 2.54 -22.52 -34.24
C ASN B 25 3.28 -21.25 -34.62
N ASP B 26 3.24 -20.21 -33.79
CA ASP B 26 4.15 -19.08 -33.96
C ASP B 26 5.60 -19.48 -33.65
N ILE B 27 5.80 -20.50 -32.82
CA ILE B 27 7.13 -21.00 -32.49
C ILE B 27 7.06 -22.51 -32.39
N SER B 28 8.22 -23.15 -32.50
CA SER B 28 8.31 -24.60 -32.40
C SER B 28 8.55 -25.01 -30.95
N GLU B 29 8.25 -26.27 -30.66
CA GLU B 29 8.54 -26.82 -29.34
C GLU B 29 9.99 -26.58 -28.95
N HIS B 30 10.91 -26.73 -29.90
CA HIS B 30 12.32 -26.58 -29.58
C HIS B 30 12.64 -25.19 -29.05
N GLU B 31 11.84 -24.20 -29.43
CA GLU B 31 12.07 -22.84 -28.95
C GLU B 31 11.54 -22.60 -27.55
N LEU B 32 10.86 -23.57 -26.95
CA LEU B 32 10.37 -23.41 -25.59
C LEU B 32 11.49 -23.69 -24.59
N SER B 33 11.52 -22.90 -23.52
CA SER B 33 12.47 -23.14 -22.45
C SER B 33 12.18 -24.47 -21.75
N PRO B 34 13.19 -25.06 -21.11
CA PRO B 34 12.92 -26.29 -20.32
C PRO B 34 11.75 -26.16 -19.38
N TYR B 35 11.61 -25.00 -18.72
CA TYR B 35 10.43 -24.74 -17.91
C TYR B 35 9.17 -24.89 -18.74
N GLN B 36 9.12 -24.21 -19.90
CA GLN B 36 7.91 -24.23 -20.72
C GLN B 36 7.63 -25.63 -21.25
N GLN B 37 8.68 -26.38 -21.60
CA GLN B 37 8.48 -27.76 -22.08
C GLN B 37 7.86 -28.64 -21.01
N GLN B 38 8.20 -28.43 -19.74
CA GLN B 38 7.62 -29.24 -18.67
C GLN B 38 6.14 -28.93 -18.50
N ILE B 39 5.81 -27.66 -18.23
CA ILE B 39 4.42 -27.33 -17.97
C ILE B 39 3.56 -27.58 -19.20
N LYS B 40 4.16 -27.61 -20.39
CA LYS B 40 3.38 -27.91 -21.60
C LYS B 40 2.67 -29.24 -21.49
N LYS B 41 3.27 -30.21 -20.80
CA LYS B 41 2.65 -31.53 -20.68
C LYS B 41 1.32 -31.45 -19.93
N ILE B 42 1.32 -30.83 -18.76
CA ILE B 42 0.06 -30.73 -18.01
C ILE B 42 -0.93 -29.85 -18.76
N LEU B 43 -0.44 -28.82 -19.46
CA LEU B 43 -1.32 -27.99 -20.26
C LEU B 43 -1.87 -28.76 -21.45
N THR B 44 -1.04 -29.59 -22.09
CA THR B 44 -1.52 -30.43 -23.18
C THR B 44 -2.60 -31.40 -22.69
N TYR B 45 -2.40 -32.00 -21.52
CA TYR B 45 -3.40 -32.95 -21.03
C TYR B 45 -4.70 -32.24 -20.68
N TYR B 46 -4.61 -31.04 -20.10
CA TYR B 46 -5.82 -30.27 -19.86
C TYR B 46 -6.56 -30.02 -21.16
N ASP B 47 -5.83 -29.63 -22.21
CA ASP B 47 -6.43 -29.41 -23.52
C ASP B 47 -7.13 -30.66 -24.03
N GLU B 48 -6.47 -31.81 -23.94
CA GLU B 48 -7.13 -33.07 -24.31
C GLU B 48 -8.38 -33.30 -23.46
N CYS B 49 -8.24 -33.21 -22.14
CA CYS B 49 -9.40 -33.43 -21.27
C CYS B 49 -10.55 -32.48 -21.63
N LEU B 50 -10.21 -31.23 -21.98
CA LEU B 50 -11.25 -30.28 -22.33
C LEU B 50 -11.90 -30.62 -23.67
N ASN B 51 -11.09 -31.04 -24.66
CA ASN B 51 -11.64 -31.35 -25.97
C ASN B 51 -12.63 -32.50 -25.90
N LYS B 52 -12.40 -33.47 -25.00
CA LYS B 52 -13.31 -34.59 -24.85
C LYS B 52 -14.65 -34.15 -24.27
N GLN B 53 -14.69 -33.00 -23.60
CA GLN B 53 -15.95 -32.51 -23.05
C GLN B 53 -16.71 -31.64 -24.04
N VAL B 54 -16.01 -30.68 -24.66
CA VAL B 54 -16.65 -29.63 -25.43
C VAL B 54 -15.81 -29.26 -26.64
N THR B 55 -16.47 -28.80 -27.69
CA THR B 55 -15.84 -28.25 -28.88
C THR B 55 -16.23 -26.77 -28.93
N ILE B 56 -15.29 -25.89 -28.60
CA ILE B 56 -15.58 -24.46 -28.50
C ILE B 56 -15.62 -23.86 -29.90
N THR B 57 -16.70 -23.14 -30.19
CA THR B 57 -16.86 -22.47 -31.48
C THR B 57 -16.76 -20.97 -31.22
N PHE B 58 -15.72 -20.35 -31.76
CA PHE B 58 -15.45 -18.94 -31.55
C PHE B 58 -15.97 -18.12 -32.73
N SER B 59 -16.43 -16.90 -32.44
CA SER B 59 -16.83 -15.95 -33.49
C SER B 59 -16.46 -14.55 -32.99
N LEU B 60 -15.25 -14.13 -33.35
CA LEU B 60 -14.70 -12.87 -32.88
C LEU B 60 -14.19 -12.11 -34.09
N THR B 61 -14.72 -10.90 -34.30
CA THR B 61 -14.32 -10.10 -35.44
C THR B 61 -13.70 -8.77 -35.06
N SER B 62 -13.53 -8.48 -33.78
CA SER B 62 -13.02 -7.17 -33.39
C SER B 62 -12.24 -7.26 -32.08
N VAL B 63 -11.48 -6.20 -31.82
CA VAL B 63 -10.79 -6.09 -30.55
C VAL B 63 -11.77 -6.15 -29.39
N GLN B 64 -12.87 -5.41 -29.50
CA GLN B 64 -13.80 -5.29 -28.38
C GLN B 64 -14.49 -6.61 -28.09
N GLU B 65 -14.88 -7.34 -29.12
CA GLU B 65 -15.50 -8.64 -28.90
C GLU B 65 -14.55 -9.56 -28.13
N ILE B 66 -13.26 -9.49 -28.45
CA ILE B 66 -12.30 -10.33 -27.74
C ILE B 66 -12.24 -9.93 -26.27
N LYS B 67 -12.05 -8.64 -26.00
CA LYS B 67 -12.00 -8.19 -24.62
C LYS B 67 -13.25 -8.63 -23.84
N THR B 68 -14.43 -8.30 -24.37
CA THR B 68 -15.66 -8.61 -23.66
C THR B 68 -15.80 -10.10 -23.41
N GLN B 69 -15.69 -10.90 -24.46
CA GLN B 69 -15.93 -12.34 -24.33
C GLN B 69 -14.86 -12.98 -23.46
N PHE B 70 -13.58 -12.71 -23.75
CA PHE B 70 -12.52 -13.28 -22.93
C PHE B 70 -12.69 -12.90 -21.46
N THR B 71 -12.92 -11.61 -21.20
CA THR B 71 -13.04 -11.15 -19.82
C THR B 71 -14.21 -11.81 -19.12
N GLY B 72 -15.32 -11.98 -19.83
CA GLY B 72 -16.48 -12.60 -19.21
C GLY B 72 -16.21 -14.02 -18.78
N VAL B 73 -15.53 -14.79 -19.63
CA VAL B 73 -15.28 -16.19 -19.33
C VAL B 73 -14.36 -16.31 -18.12
N VAL B 74 -13.22 -15.62 -18.16
CA VAL B 74 -12.19 -15.83 -17.16
C VAL B 74 -12.53 -15.17 -15.83
N THR B 75 -13.37 -14.13 -15.82
CA THR B 75 -13.79 -13.55 -14.55
C THR B 75 -14.70 -14.50 -13.79
N GLU B 76 -15.58 -15.20 -14.50
CA GLU B 76 -16.37 -16.25 -13.86
C GLU B 76 -15.48 -17.41 -13.40
N LEU B 77 -14.43 -17.71 -14.17
CA LEU B 77 -13.54 -18.82 -13.81
C LEU B 77 -12.90 -18.59 -12.45
N PHE B 78 -12.58 -17.34 -12.12
CA PHE B 78 -11.84 -17.04 -10.90
C PHE B 78 -12.64 -16.24 -9.87
N LYS B 79 -13.87 -15.84 -10.16
CA LYS B 79 -14.66 -15.14 -9.15
C LYS B 79 -14.77 -15.98 -7.89
N ASP B 80 -15.04 -17.27 -8.05
CA ASP B 80 -15.10 -18.19 -6.92
C ASP B 80 -13.79 -18.20 -6.15
N LEU B 81 -12.70 -18.57 -6.82
CA LEU B 81 -11.41 -18.69 -6.16
C LEU B 81 -10.34 -18.83 -7.24
N ILE B 82 -9.09 -18.97 -6.80
CA ILE B 82 -7.95 -19.19 -7.69
C ILE B 82 -7.21 -20.43 -7.23
N ASN B 83 -6.82 -21.28 -8.19
CA ASN B 83 -5.91 -22.37 -7.91
C ASN B 83 -5.17 -22.72 -9.20
N TRP B 84 -4.07 -23.47 -9.05
CA TRP B 84 -3.20 -23.73 -10.21
C TRP B 84 -3.95 -24.47 -11.31
N GLY B 85 -4.81 -25.42 -10.94
CA GLY B 85 -5.56 -26.13 -11.96
C GLY B 85 -6.37 -25.19 -12.83
N ARG B 86 -6.99 -24.18 -12.21
CA ARG B 86 -7.77 -23.24 -12.98
C ARG B 86 -6.89 -22.35 -13.84
N ILE B 87 -5.69 -22.00 -13.36
CA ILE B 87 -4.75 -21.29 -14.21
C ILE B 87 -4.41 -22.11 -15.44
N CYS B 88 -4.28 -23.43 -15.30
CA CYS B 88 -4.14 -24.27 -16.47
C CYS B 88 -5.26 -24.01 -17.46
N GLY B 89 -6.51 -23.99 -16.98
CA GLY B 89 -7.65 -23.70 -17.84
C GLY B 89 -7.58 -22.30 -18.44
N PHE B 90 -7.20 -21.31 -17.63
CA PHE B 90 -6.99 -19.97 -18.16
C PHE B 90 -6.01 -20.00 -19.34
N ILE B 91 -4.85 -20.63 -19.14
CA ILE B 91 -3.83 -20.70 -20.17
C ILE B 91 -4.37 -21.37 -21.42
N VAL B 92 -5.00 -22.54 -21.26
CA VAL B 92 -5.49 -23.29 -22.41
C VAL B 92 -6.61 -22.52 -23.12
N PHE B 93 -7.53 -21.94 -22.35
CA PHE B 93 -8.58 -21.13 -22.97
C PHE B 93 -7.99 -20.01 -23.80
N SER B 94 -6.99 -19.30 -23.25
CA SER B 94 -6.36 -18.22 -24.00
C SER B 94 -5.75 -18.75 -25.30
N ALA B 95 -5.18 -19.96 -25.25
CA ALA B 95 -4.53 -20.51 -26.43
C ALA B 95 -5.53 -20.89 -27.50
N LYS B 96 -6.70 -21.38 -27.11
CA LYS B 96 -7.70 -21.77 -28.11
C LYS B 96 -8.28 -20.54 -28.81
N MET B 97 -8.60 -19.48 -28.07
CA MET B 97 -9.09 -18.28 -28.70
C MET B 97 -8.04 -17.68 -29.62
N ALA B 98 -6.77 -17.79 -29.23
CA ALA B 98 -5.71 -17.21 -30.06
C ALA B 98 -5.51 -18.01 -31.34
N LYS B 99 -5.66 -19.34 -31.27
CA LYS B 99 -5.50 -20.14 -32.48
C LYS B 99 -6.67 -19.95 -33.43
N TYR B 100 -7.87 -19.73 -32.88
CA TYR B 100 -8.99 -19.36 -33.75
C TYR B 100 -8.68 -18.12 -34.54
N CYS B 101 -8.09 -17.12 -33.89
CA CYS B 101 -7.81 -15.86 -34.56
C CYS B 101 -6.76 -16.05 -35.66
N LYS B 102 -5.62 -16.67 -35.32
CA LYS B 102 -4.60 -16.87 -36.34
C LYS B 102 -5.12 -17.73 -37.47
N ASP B 103 -5.91 -18.76 -37.16
CA ASP B 103 -6.43 -19.63 -38.20
C ASP B 103 -7.50 -18.92 -39.04
N ALA B 104 -8.27 -18.03 -38.42
CA ALA B 104 -9.21 -17.19 -39.16
C ALA B 104 -8.51 -16.12 -39.97
N ASN B 105 -7.22 -15.86 -39.70
CA ASN B 105 -6.46 -14.84 -40.40
C ASN B 105 -7.07 -13.45 -40.19
N ASN B 106 -7.64 -13.22 -39.01
CA ASN B 106 -8.23 -11.92 -38.68
C ASN B 106 -7.22 -10.96 -38.05
N HIS B 107 -5.98 -11.39 -37.84
CA HIS B 107 -4.89 -10.55 -37.32
C HIS B 107 -5.10 -10.17 -35.85
N LEU B 108 -6.02 -10.80 -35.15
CA LEU B 108 -6.34 -10.44 -33.78
C LEU B 108 -5.65 -11.30 -32.73
N GLU B 109 -4.79 -12.26 -33.12
CA GLU B 109 -4.22 -13.16 -32.12
C GLU B 109 -3.37 -12.40 -31.11
N SER B 110 -2.65 -11.37 -31.54
CA SER B 110 -1.87 -10.59 -30.59
C SER B 110 -2.77 -9.85 -29.61
N THR B 111 -4.04 -9.64 -29.96
CA THR B 111 -4.96 -9.01 -29.04
C THR B 111 -5.44 -9.99 -27.98
N VAL B 112 -5.60 -11.26 -28.36
CA VAL B 112 -5.94 -12.28 -27.36
C VAL B 112 -4.80 -12.44 -26.37
N ILE B 113 -3.58 -12.68 -26.87
CA ILE B 113 -2.42 -12.83 -26.00
C ILE B 113 -2.33 -11.64 -25.05
N THR B 114 -2.31 -10.43 -25.61
CA THR B 114 -2.22 -9.23 -24.79
C THR B 114 -3.36 -9.17 -23.78
N THR B 115 -4.57 -9.51 -24.21
CA THR B 115 -5.71 -9.46 -23.29
C THR B 115 -5.50 -10.43 -22.12
N ALA B 116 -5.01 -11.64 -22.41
CA ALA B 116 -4.75 -12.61 -21.35
C ALA B 116 -3.55 -12.19 -20.51
N TYR B 117 -2.52 -11.64 -21.15
CA TYR B 117 -1.38 -11.09 -20.42
C TYR B 117 -1.84 -10.09 -19.38
N ASN B 118 -2.69 -9.15 -19.79
CA ASN B 118 -3.10 -8.09 -18.87
C ASN B 118 -3.96 -8.65 -17.73
N PHE B 119 -4.86 -9.58 -18.03
CA PHE B 119 -5.69 -10.11 -16.96
C PHE B 119 -4.87 -10.90 -15.96
N MET B 120 -3.95 -11.73 -16.45
CA MET B 120 -3.10 -12.47 -15.52
C MET B 120 -2.26 -11.51 -14.69
N LYS B 121 -1.78 -10.43 -15.31
CA LYS B 121 -0.89 -9.53 -14.60
C LYS B 121 -1.58 -8.93 -13.38
N HIS B 122 -2.81 -8.47 -13.54
CA HIS B 122 -3.49 -7.73 -12.49
C HIS B 122 -4.38 -8.58 -11.62
N ASN B 123 -4.96 -9.65 -12.17
CA ASN B 123 -5.96 -10.42 -11.45
C ASN B 123 -5.47 -11.77 -10.92
N LEU B 124 -4.32 -12.23 -11.38
CA LEU B 124 -3.85 -13.55 -10.97
C LEU B 124 -2.45 -13.50 -10.39
N LEU B 125 -1.60 -12.63 -10.89
CA LEU B 125 -0.20 -12.66 -10.49
C LEU B 125 -0.01 -12.46 -8.99
N PRO B 126 -0.75 -11.57 -8.32
CA PRO B 126 -0.62 -11.51 -6.84
C PRO B 126 -0.82 -12.87 -6.19
N TRP B 127 -1.86 -13.61 -6.57
CA TRP B 127 -2.07 -14.94 -6.01
C TRP B 127 -0.93 -15.88 -6.39
N MET B 128 -0.55 -15.87 -7.67
CA MET B 128 0.52 -16.77 -8.13
C MET B 128 1.79 -16.57 -7.31
N ILE B 129 2.22 -15.32 -7.17
CA ILE B 129 3.45 -15.04 -6.45
C ILE B 129 3.32 -15.38 -4.97
N SER B 130 2.20 -15.00 -4.35
CA SER B 130 2.01 -15.27 -2.93
C SER B 130 1.83 -16.75 -2.65
N HIS B 131 1.81 -17.60 -3.66
CA HIS B 131 1.69 -19.04 -3.48
C HIS B 131 2.84 -19.78 -4.15
N GLY B 132 4.02 -19.16 -4.16
CA GLY B 132 5.22 -19.79 -4.65
C GLY B 132 5.59 -19.43 -6.06
N GLY B 133 4.70 -18.76 -6.79
CA GLY B 133 5.03 -18.31 -8.13
C GLY B 133 5.48 -19.45 -9.02
N GLN B 134 6.57 -19.21 -9.74
CA GLN B 134 6.99 -20.11 -10.80
C GLN B 134 7.34 -21.48 -10.22
N GLU B 135 8.09 -21.49 -9.12
CA GLU B 135 8.57 -22.75 -8.56
C GLU B 135 7.40 -23.69 -8.26
N GLU B 136 6.27 -23.14 -7.81
CA GLU B 136 5.15 -23.99 -7.39
C GLU B 136 4.33 -24.47 -8.58
N PHE B 137 4.16 -23.63 -9.60
CA PHE B 137 3.50 -24.12 -10.81
C PHE B 137 4.29 -25.26 -11.44
N LEU B 138 5.60 -25.11 -11.53
CA LEU B 138 6.43 -26.20 -12.04
C LEU B 138 6.27 -27.45 -11.17
N ALA B 139 6.33 -27.28 -9.85
CA ALA B 139 6.11 -28.40 -8.95
C ALA B 139 4.72 -28.99 -9.11
N PHE B 140 3.72 -28.12 -9.28
CA PHE B 140 2.37 -28.58 -9.59
C PHE B 140 2.36 -29.44 -10.85
N SER B 141 3.09 -29.02 -11.89
CA SER B 141 3.06 -29.76 -13.14
C SER B 141 3.84 -31.06 -13.02
N LEU B 142 4.92 -31.08 -12.22
CA LEU B 142 5.66 -32.31 -12.00
C LEU B 142 4.93 -33.27 -11.08
N HIS B 143 4.17 -32.74 -10.11
CA HIS B 143 3.36 -33.63 -9.28
C HIS B 143 2.26 -34.29 -10.09
N SER B 144 1.71 -33.58 -11.07
CA SER B 144 0.69 -34.17 -11.93
C SER B 144 1.25 -35.26 -12.83
N ASP B 145 2.57 -35.29 -13.05
CA ASP B 145 3.17 -36.34 -13.88
C ASP B 145 2.91 -37.73 -13.31
N MET B 146 2.61 -37.85 -12.02
CA MET B 146 2.20 -39.13 -11.44
C MET B 146 0.93 -39.64 -12.11
N THR C 4 -24.02 -20.56 -23.44
CA THR C 4 -22.94 -21.44 -23.88
C THR C 4 -21.61 -20.93 -23.33
N MET C 5 -21.50 -19.61 -23.18
CA MET C 5 -20.27 -19.03 -22.65
C MET C 5 -20.14 -19.30 -21.15
N GLU C 6 -21.25 -19.16 -20.41
CA GLU C 6 -21.23 -19.55 -19.01
C GLU C 6 -21.06 -21.06 -18.86
N ASN C 7 -21.46 -21.82 -19.87
CA ASN C 7 -21.22 -23.26 -19.85
C ASN C 7 -19.74 -23.57 -19.95
N LEU C 8 -19.01 -22.81 -20.77
CA LEU C 8 -17.59 -23.07 -20.94
C LEU C 8 -16.82 -22.73 -19.68
N SER C 9 -17.25 -21.68 -18.97
CA SER C 9 -16.53 -21.29 -17.77
C SER C 9 -16.76 -22.30 -16.64
N ARG C 10 -17.98 -22.84 -16.55
CA ARG C 10 -18.23 -23.93 -15.61
C ARG C 10 -17.33 -25.12 -15.92
N ARG C 11 -17.28 -25.53 -17.19
CA ARG C 11 -16.41 -26.63 -17.56
C ARG C 11 -14.96 -26.33 -17.21
N LEU C 12 -14.49 -25.12 -17.53
CA LEU C 12 -13.12 -24.77 -17.18
C LEU C 12 -12.87 -24.85 -15.68
N LYS C 13 -13.89 -24.57 -14.87
CA LYS C 13 -13.73 -24.67 -13.42
C LYS C 13 -13.57 -26.12 -12.98
N VAL C 14 -14.47 -26.99 -13.42
CA VAL C 14 -14.45 -28.38 -12.96
C VAL C 14 -13.12 -29.04 -13.31
N THR C 15 -12.81 -29.09 -14.61
CA THR C 15 -11.56 -29.72 -15.02
C THR C 15 -10.37 -29.02 -14.41
N GLY C 16 -10.50 -27.74 -14.10
CA GLY C 16 -9.48 -27.05 -13.34
C GLY C 16 -9.37 -27.62 -11.93
N ASP C 17 -10.48 -27.61 -11.20
CA ASP C 17 -10.46 -28.19 -9.86
C ASP C 17 -10.04 -29.65 -9.90
N LEU C 18 -10.40 -30.36 -10.95
CA LEU C 18 -9.99 -31.74 -11.09
C LEU C 18 -8.47 -31.83 -11.15
N PHE C 19 -7.86 -31.09 -12.08
CA PHE C 19 -6.41 -31.11 -12.20
C PHE C 19 -5.74 -30.65 -10.91
N ASP C 20 -6.40 -29.77 -10.16
CA ASP C 20 -5.80 -29.26 -8.94
C ASP C 20 -5.77 -30.34 -7.86
N ILE C 21 -6.83 -31.15 -7.78
CA ILE C 21 -6.88 -32.18 -6.74
C ILE C 21 -6.00 -33.35 -7.13
N MET C 22 -5.97 -33.70 -8.40
CA MET C 22 -5.19 -34.85 -8.86
C MET C 22 -3.69 -34.60 -8.72
N SER C 23 -3.31 -33.41 -8.26
CA SER C 23 -1.90 -33.14 -8.03
C SER C 23 -1.53 -33.18 -6.55
C1 GLC D . 5.49 7.19 2.64
C2 GLC D . 4.31 6.50 3.34
C3 GLC D . 3.65 7.55 4.23
C4 GLC D . 4.72 8.43 4.79
C5 GLC D . 5.27 9.25 3.68
C6 GLC D . 6.60 10.07 3.94
O1 GLC D . 5.77 6.63 1.39
O2 GLC D . 3.39 5.96 2.42
O3 GLC D . 2.79 6.93 5.20
O4 GLC D . 4.15 9.31 5.68
O5 GLC D . 5.32 8.56 2.41
O6 GLC D . 6.70 11.06 2.92
H1 GLC D . 6.30 7.02 3.36
H2 GLC D . 4.72 5.69 3.93
H3 GLC D . 3.04 8.20 3.60
H4 GLC D . 5.45 7.81 5.31
H5 GLC D . 4.50 10.01 3.48
H61 GLC D . 6.58 10.54 4.91
H62 GLC D . 7.46 9.41 3.90
HO1 GLC D . 5.19 5.85 1.24
HO2 GLC D . 3.84 5.27 1.88
HO3 GLC D . 3.32 6.37 5.81
HO6 GLC D . 7.00 11.91 3.32
C1 GLC D . 4.16 9.16 7.08
C2 GLC D . 5.43 9.71 7.71
C3 GLC D . 5.71 9.04 9.04
C4 GLC D . 4.50 8.35 9.64
C5 GLC D . 3.80 7.44 8.64
C6 GLC D . 2.30 7.43 8.91
O2 GLC D . 6.55 9.44 6.92
O3 GLC D . 6.16 10.02 9.95
O4 GLC D . 4.94 7.58 10.75
O5 GLC D . 4.07 7.79 7.31
O6 GLC D . 2.15 6.97 10.24
H1 GLC D . 3.34 9.72 7.53
H2 GLC D . 5.32 10.78 7.79
H3 GLC D . 6.48 8.28 8.90
H4 GLC D . 3.80 9.11 9.98
H5 GLC D . 4.18 6.43 8.76
H61 GLC D . 1.79 6.77 8.21
H62 GLC D . 1.88 8.44 8.79
HO2 GLC D . 6.70 8.47 6.86
HO3 GLC D . 7.11 10.20 9.79
HO4 GLC D . 4.25 7.59 11.45
HO6 GLC D . 1.63 6.14 10.24
#